data_2CAY
#
_entry.id   2CAY
#
_cell.length_a   94.451
_cell.length_b   88.375
_cell.length_c   45.888
_cell.angle_alpha   90.00
_cell.angle_beta   90.00
_cell.angle_gamma   90.00
#
_symmetry.space_group_name_H-M   'P 21 21 2'
#
loop_
_entity.id
_entity.type
_entity.pdbx_description
1 polymer 'VACUOLAR PROTEIN SORTING PROTEIN 36'
2 non-polymer 'SULFATE ION'
3 water water
#
_entity_poly.entity_id   1
_entity_poly.type   'polypeptide(L)'
_entity_poly.pdbx_seq_one_letter_code
;MAHHHHHHMEYWHYVETTSSGQPLLREGEKDIFIDQSVGLYHGKSKILQRQRGRIFLTSQRIIYIDDAKPTQNSLGLELD
DLAYVNYSSGFLTRSPRLILFFKDPSSSTEFVQLSFRKSDGVLFSQATERALENILTEKNKHIFN
;
_entity_poly.pdbx_strand_id   A,B
#
# COMPACT_ATOMS: atom_id res chain seq x y z
N HIS A 7 -12.98 11.52 6.10
CA HIS A 7 -12.47 12.05 7.40
C HIS A 7 -11.45 11.11 8.05
N HIS A 8 -10.42 11.70 8.65
CA HIS A 8 -9.30 10.94 9.23
C HIS A 8 -9.69 10.16 10.51
N MET A 9 -10.89 10.42 11.03
CA MET A 9 -11.29 9.83 12.31
C MET A 9 -11.87 8.42 12.19
N GLU A 10 -12.02 7.92 10.97
CA GLU A 10 -12.42 6.53 10.77
C GLU A 10 -11.28 5.61 11.23
N TYR A 11 -10.05 6.09 11.02
CA TYR A 11 -8.85 5.31 11.25
C TYR A 11 -8.13 5.71 12.56
N TRP A 12 -8.19 6.99 12.91
CA TRP A 12 -7.52 7.49 14.10
C TRP A 12 -8.47 7.41 15.31
N HIS A 13 -7.91 7.21 16.50
CA HIS A 13 -8.73 7.24 17.73
C HIS A 13 -8.12 8.23 18.74
N TYR A 14 -8.95 8.71 19.66
CA TYR A 14 -8.50 9.66 20.66
C TYR A 14 -7.53 8.94 21.62
N VAL A 15 -6.47 9.63 22.04
CA VAL A 15 -5.48 9.11 23.00
C VAL A 15 -5.39 10.08 24.20
N GLU A 16 -5.49 9.54 25.42
CA GLU A 16 -5.34 10.34 26.63
C GLU A 16 -3.87 10.47 26.95
N THR A 17 -3.49 11.64 27.47
CA THR A 17 -2.13 11.88 27.95
C THR A 17 -2.11 12.52 29.34
N THR A 18 -0.95 12.49 30.00
CA THR A 18 -0.74 13.30 31.19
C THR A 18 -0.68 14.78 30.81
N SER A 19 -0.77 15.65 31.80
CA SER A 19 -0.64 17.09 31.57
C SER A 19 0.65 17.42 30.79
N SER A 20 1.72 16.70 31.11
CA SER A 20 3.03 16.93 30.48
C SER A 20 3.18 16.33 29.06
N GLY A 21 2.17 15.60 28.59
CA GLY A 21 2.14 15.07 27.23
C GLY A 21 2.68 13.67 27.10
N GLN A 22 2.63 12.92 28.20
CA GLN A 22 3.00 11.52 28.15
C GLN A 22 1.74 10.66 27.91
N PRO A 23 1.77 9.80 26.86
CA PRO A 23 0.56 9.00 26.56
C PRO A 23 0.30 7.95 27.62
N LEU A 24 -0.98 7.68 27.88
CA LEU A 24 -1.38 6.65 28.82
C LEU A 24 -1.60 5.39 28.02
N LEU A 25 -0.74 4.40 28.26
CA LEU A 25 -0.65 3.22 27.40
C LEU A 25 -1.46 2.07 27.95
N ARG A 26 -1.82 1.16 27.05
CA ARG A 26 -2.62 0.00 27.41
C ARG A 26 -1.80 -1.03 28.19
N GLU A 27 -2.49 -1.93 28.89
CA GLU A 27 -1.79 -2.97 29.64
C GLU A 27 -0.84 -3.73 28.72
N GLY A 28 0.43 -3.80 29.11
CA GLY A 28 1.42 -4.57 28.36
C GLY A 28 1.87 -3.89 27.06
N GLU A 29 1.33 -2.71 26.78
CA GLU A 29 1.79 -1.93 25.63
C GLU A 29 3.07 -1.15 25.99
N LYS A 30 4.13 -1.28 25.17
CA LYS A 30 5.44 -0.72 25.50
C LYS A 30 5.95 0.25 24.43
N ASP A 31 6.55 1.39 24.83
CA ASP A 31 7.14 2.27 23.81
C ASP A 31 8.43 1.71 23.18
N ILE A 32 8.56 1.93 21.88
CA ILE A 32 9.70 1.43 21.12
C ILE A 32 10.52 2.58 20.61
N PHE A 33 9.87 3.62 20.07
CA PHE A 33 10.64 4.71 19.52
C PHE A 33 9.85 6.00 19.55
N ILE A 34 10.55 7.13 19.61
CA ILE A 34 9.88 8.44 19.59
C ILE A 34 10.62 9.40 18.65
N ASP A 35 9.89 10.28 17.96
CA ASP A 35 10.53 11.38 17.22
C ASP A 35 9.70 12.63 17.47
N GLN A 36 10.28 13.78 17.16
CA GLN A 36 9.76 15.10 17.52
C GLN A 36 9.44 15.89 16.24
N SER A 37 8.57 16.88 16.38
CA SER A 37 8.22 17.85 15.33
C SER A 37 7.66 17.16 14.07
N VAL A 38 6.69 16.29 14.27
CA VAL A 38 6.05 15.56 13.17
C VAL A 38 4.68 16.19 12.94
N GLY A 39 4.29 16.28 11.66
CA GLY A 39 2.95 16.72 11.26
C GLY A 39 2.25 15.56 10.58
N LEU A 40 0.91 15.62 10.59
CA LEU A 40 0.09 14.53 10.04
C LEU A 40 -0.55 14.93 8.73
N TYR A 41 -0.70 13.95 7.83
CA TYR A 41 -1.45 14.08 6.59
C TYR A 41 -2.52 13.02 6.53
N HIS A 42 -3.66 13.40 5.98
CA HIS A 42 -4.66 12.40 5.64
C HIS A 42 -4.78 12.44 4.13
N GLY A 43 -4.39 11.34 3.48
CA GLY A 43 -4.12 11.35 2.04
C GLY A 43 -3.07 12.39 1.71
N LYS A 44 -3.31 13.17 0.66
CA LYS A 44 -2.37 14.22 0.26
C LYS A 44 -2.48 15.51 1.08
N SER A 45 -3.49 15.66 1.93
CA SER A 45 -3.76 16.93 2.63
C SER A 45 -3.26 17.00 4.07
N LYS A 46 -2.69 18.14 4.49
CA LYS A 46 -2.34 18.31 5.91
C LYS A 46 -3.57 18.18 6.79
N ILE A 47 -3.42 17.48 7.92
CA ILE A 47 -4.43 17.53 8.98
C ILE A 47 -4.20 18.84 9.74
N LEU A 48 -5.12 19.78 9.56
CA LEU A 48 -5.02 21.11 10.15
C LEU A 48 -5.02 20.99 11.67
N GLN A 49 -4.14 21.75 12.32
CA GLN A 49 -4.04 21.70 13.78
C GLN A 49 -3.42 20.41 14.34
N ARG A 50 -2.86 19.57 13.46
CA ARG A 50 -2.08 18.42 13.93
C ARG A 50 -0.75 18.44 13.19
N GLN A 51 -0.12 19.60 13.18
CA GLN A 51 1.08 19.85 12.40
C GLN A 51 2.41 19.87 13.19
N ARG A 52 2.34 19.77 14.52
CA ARG A 52 3.56 19.74 15.33
C ARG A 52 3.30 18.98 16.62
N GLY A 53 3.84 17.76 16.64
CA GLY A 53 3.69 16.83 17.74
C GLY A 53 4.85 15.86 17.82
N ARG A 54 4.91 15.15 18.92
CA ARG A 54 5.84 14.02 19.04
C ARG A 54 5.12 12.79 18.51
N ILE A 55 5.87 11.89 17.89
CA ILE A 55 5.31 10.67 17.38
C ILE A 55 5.92 9.52 18.18
N PHE A 56 5.06 8.61 18.67
CA PHE A 56 5.50 7.45 19.45
C PHE A 56 5.13 6.19 18.70
N LEU A 57 6.07 5.27 18.62
CA LEU A 57 5.77 3.93 18.15
C LEU A 57 5.72 3.03 19.37
N THR A 58 4.65 2.26 19.49
CA THR A 58 4.57 1.23 20.51
C THR A 58 4.44 -0.10 19.82
N SER A 59 4.51 -1.15 20.63
CA SER A 59 4.23 -2.50 20.22
C SER A 59 2.84 -2.68 19.52
N GLN A 60 1.90 -1.77 19.74
CA GLN A 60 0.55 -1.92 19.22
C GLN A 60 0.10 -0.79 18.32
N ARG A 61 0.68 0.40 18.50
CA ARG A 61 0.11 1.63 17.92
C ARG A 61 1.17 2.61 17.41
N ILE A 62 0.75 3.52 16.55
CA ILE A 62 1.46 4.77 16.32
C ILE A 62 0.63 5.85 16.96
N ILE A 63 1.28 6.69 17.77
CA ILE A 63 0.58 7.69 18.54
C ILE A 63 1.12 9.08 18.29
N TYR A 64 0.24 10.00 17.96
CA TYR A 64 0.63 11.40 17.79
C TYR A 64 0.24 12.20 19.04
N ILE A 65 1.24 12.83 19.66
CA ILE A 65 1.01 13.71 20.85
C ILE A 65 1.17 15.16 20.46
N ASP A 66 0.05 15.88 20.39
CA ASP A 66 0.06 17.29 19.99
C ASP A 66 0.91 18.17 20.91
N ASP A 67 1.78 19.00 20.34
CA ASP A 67 2.64 19.86 21.16
C ASP A 67 1.80 20.89 21.93
N ALA A 68 0.85 21.52 21.24
CA ALA A 68 0.08 22.64 21.78
C ALA A 68 -0.98 22.19 22.80
N LYS A 69 -1.78 21.19 22.43
CA LYS A 69 -2.85 20.71 23.30
C LYS A 69 -2.83 19.19 23.43
N PRO A 70 -1.86 18.65 24.20
CA PRO A 70 -1.71 17.17 24.23
C PRO A 70 -2.92 16.40 24.77
N THR A 71 -3.62 16.98 25.75
CA THR A 71 -4.75 16.27 26.36
C THR A 71 -6.02 16.35 25.52
N GLN A 72 -6.01 17.14 24.44
CA GLN A 72 -7.17 17.29 23.57
C GLN A 72 -6.95 16.73 22.16
N ASN A 73 -5.78 17.02 21.60
CA ASN A 73 -5.54 16.82 20.17
C ASN A 73 -4.59 15.66 19.80
N SER A 74 -4.35 14.79 20.76
CA SER A 74 -3.57 13.57 20.51
C SER A 74 -4.38 12.42 19.90
N LEU A 75 -3.72 11.63 19.06
CA LEU A 75 -4.38 10.60 18.25
C LEU A 75 -3.59 9.30 18.19
N GLY A 76 -4.28 8.20 17.99
CA GLY A 76 -3.68 6.89 17.88
C GLY A 76 -4.16 6.15 16.64
N LEU A 77 -3.27 5.33 16.08
CA LEU A 77 -3.59 4.45 14.98
C LEU A 77 -3.20 3.02 15.38
N GLU A 78 -4.04 2.03 15.14
CA GLU A 78 -3.64 0.63 15.43
C GLU A 78 -2.72 0.07 14.35
N LEU A 79 -1.57 -0.45 14.73
CA LEU A 79 -0.72 -1.19 13.78
C LEU A 79 -1.46 -2.35 13.10
N ASP A 80 -2.37 -2.98 13.84
CA ASP A 80 -3.20 -4.05 13.29
C ASP A 80 -4.12 -3.61 12.12
N ASP A 81 -4.32 -2.30 11.93
CA ASP A 81 -5.13 -1.79 10.80
C ASP A 81 -4.29 -1.49 9.52
N LEU A 82 -2.98 -1.71 9.61
CA LEU A 82 -2.05 -1.38 8.52
C LEU A 82 -1.59 -2.60 7.74
N ALA A 83 -1.37 -2.39 6.44
CA ALA A 83 -0.82 -3.40 5.57
C ALA A 83 0.63 -3.13 5.15
N TYR A 84 0.97 -1.86 4.91
CA TYR A 84 2.36 -1.49 4.55
C TYR A 84 2.70 -0.12 5.10
N VAL A 85 4.00 0.13 5.26
CA VAL A 85 4.51 1.47 5.45
C VAL A 85 5.62 1.66 4.42
N ASN A 86 5.74 2.89 3.90
CA ASN A 86 6.74 3.22 2.87
C ASN A 86 7.37 4.56 3.19
N TYR A 87 8.70 4.59 3.28
CA TYR A 87 9.47 5.82 3.47
C TYR A 87 9.69 6.57 2.16
N SER A 88 9.49 7.88 2.18
CA SER A 88 9.71 8.74 1.00
C SER A 88 10.65 9.88 1.43
N SER A 89 11.77 10.06 0.72
CA SER A 89 12.93 10.79 1.29
C SER A 89 12.97 12.30 1.18
N GLY A 90 11.93 12.92 0.63
CA GLY A 90 11.86 14.39 0.64
C GLY A 90 12.46 15.03 -0.61
N PHE A 91 12.34 14.39 -1.77
CA PHE A 91 12.81 15.05 -2.99
C PHE A 91 11.88 16.14 -3.51
N LEU A 92 10.59 15.82 -3.63
CA LEU A 92 9.53 16.82 -3.95
C LEU A 92 8.87 17.45 -2.71
N THR A 93 8.94 16.76 -1.58
CA THR A 93 8.32 17.25 -0.37
C THR A 93 9.37 17.99 0.47
N ARG A 94 8.96 19.05 1.15
CA ARG A 94 9.87 19.80 2.05
C ARG A 94 10.50 18.87 3.09
N SER A 95 9.69 17.97 3.67
CA SER A 95 10.18 17.00 4.69
C SER A 95 10.06 15.57 4.19
N PRO A 96 10.95 14.67 4.67
CA PRO A 96 10.68 13.24 4.38
C PRO A 96 9.35 12.77 5.00
N ARG A 97 8.77 11.72 4.46
CA ARG A 97 7.43 11.26 4.82
C ARG A 97 7.45 9.77 5.07
N LEU A 98 6.70 9.36 6.07
CA LEU A 98 6.37 7.93 6.20
C LEU A 98 4.89 7.72 5.82
N ILE A 99 4.64 6.94 4.78
CA ILE A 99 3.28 6.70 4.22
C ILE A 99 2.71 5.41 4.81
N LEU A 100 1.55 5.51 5.43
CA LEU A 100 0.88 4.32 6.03
C LEU A 100 -0.29 3.89 5.13
N PHE A 101 -0.25 2.63 4.72
CA PHE A 101 -1.32 1.99 3.92
C PHE A 101 -2.20 1.11 4.80
N PHE A 102 -3.52 1.34 4.74
CA PHE A 102 -4.50 0.56 5.53
C PHE A 102 -4.85 -0.76 4.86
N LYS A 103 -5.27 -1.73 5.65
CA LYS A 103 -5.77 -2.99 5.13
C LYS A 103 -7.11 -2.78 4.39
N ASP A 104 -7.92 -1.85 4.88
CA ASP A 104 -9.32 -1.77 4.43
C ASP A 104 -9.72 -0.30 4.18
N PRO A 105 -9.09 0.37 3.18
CA PRO A 105 -9.42 1.76 2.91
C PRO A 105 -10.81 1.88 2.24
N SER A 106 -11.51 2.97 2.50
CA SER A 106 -12.87 3.17 1.94
C SER A 106 -12.73 3.69 0.53
N SER A 107 -11.52 4.18 0.28
CA SER A 107 -11.18 4.77 -0.95
C SER A 107 -9.68 4.57 -1.06
N SER A 108 -8.79 4.66 -2.53
CA SER A 108 -7.34 4.62 -2.49
C SER A 108 -6.81 6.01 -2.13
N THR A 109 -7.72 6.94 -1.90
CA THR A 109 -7.33 8.27 -1.47
C THR A 109 -7.06 8.32 0.04
N GLU A 110 -7.49 7.26 0.75
CA GLU A 110 -7.41 7.22 2.20
C GLU A 110 -6.15 6.46 2.62
N PHE A 111 -5.15 7.22 3.04
CA PHE A 111 -3.94 6.70 3.65
C PHE A 111 -3.43 7.80 4.57
N VAL A 112 -2.40 7.50 5.35
CA VAL A 112 -1.85 8.50 6.25
C VAL A 112 -0.40 8.80 5.92
N GLN A 113 0.05 10.01 6.22
CA GLN A 113 1.50 10.28 6.20
C GLN A 113 1.94 10.91 7.50
N LEU A 114 3.15 10.57 7.91
CA LEU A 114 3.85 11.27 8.98
C LEU A 114 4.92 12.13 8.31
N SER A 115 4.97 13.42 8.65
CA SER A 115 5.93 14.27 8.00
C SER A 115 6.98 14.75 9.01
N PHE A 116 8.26 14.49 8.71
CA PHE A 116 9.33 14.73 9.70
C PHE A 116 10.06 16.06 9.53
N ARG A 117 9.76 17.04 10.38
CA ARG A 117 10.30 18.40 10.16
C ARG A 117 11.66 18.68 10.81
N LYS A 118 12.07 17.85 11.73
CA LYS A 118 13.32 18.09 12.45
C LYS A 118 14.24 16.88 12.50
N SER A 119 13.93 15.86 11.71
CA SER A 119 14.77 14.65 11.58
C SER A 119 14.54 14.08 10.18
N ASP A 120 15.36 13.13 9.75
CA ASP A 120 15.11 12.50 8.45
C ASP A 120 14.06 11.40 8.58
N GLY A 121 13.59 11.15 9.80
CA GLY A 121 12.56 10.12 10.03
C GLY A 121 13.00 8.68 9.77
N VAL A 122 14.30 8.45 9.55
CA VAL A 122 14.77 7.12 9.17
C VAL A 122 14.69 6.09 10.29
N LEU A 123 15.21 6.41 11.46
CA LEU A 123 15.14 5.43 12.55
C LEU A 123 13.68 5.10 12.96
N PHE A 124 12.83 6.13 12.97
CA PHE A 124 11.41 5.91 13.27
C PHE A 124 10.76 4.99 12.25
N SER A 125 11.04 5.24 10.98
CA SER A 125 10.44 4.45 9.91
C SER A 125 10.93 3.01 9.96
N GLN A 126 12.24 2.83 10.18
CA GLN A 126 12.79 1.47 10.30
C GLN A 126 12.16 0.68 11.46
N ALA A 127 12.01 1.33 12.60
CA ALA A 127 11.41 0.70 13.78
C ALA A 127 9.92 0.33 13.47
N THR A 128 9.22 1.23 12.77
CA THR A 128 7.80 1.01 12.42
C THR A 128 7.66 -0.17 11.45
N GLU A 129 8.53 -0.23 10.44
CA GLU A 129 8.56 -1.39 9.52
C GLU A 129 8.68 -2.72 10.28
N ARG A 130 9.54 -2.74 11.29
CA ARG A 130 9.80 -3.95 12.08
C ARG A 130 8.59 -4.30 12.95
N ALA A 131 8.00 -3.30 13.59
CA ALA A 131 6.85 -3.47 14.50
C ALA A 131 5.63 -3.96 13.71
N LEU A 132 5.40 -3.34 12.53
CA LEU A 132 4.40 -3.85 11.59
C LEU A 132 4.65 -5.29 11.16
N GLU A 133 5.85 -5.59 10.68
CA GLU A 133 6.15 -6.96 10.28
C GLU A 133 5.90 -8.00 11.41
N ASN A 134 6.19 -7.67 12.67
CA ASN A 134 5.95 -8.59 13.79
C ASN A 134 4.45 -8.93 13.88
N ILE A 135 3.60 -7.93 13.66
CA ILE A 135 2.16 -8.15 13.73
C ILE A 135 1.69 -8.96 12.52
N LEU A 136 2.16 -8.60 11.32
CA LEU A 136 1.72 -9.28 10.09
C LEU A 136 2.05 -10.75 10.05
N THR A 137 3.26 -11.10 10.49
CA THR A 137 3.75 -12.48 10.40
C THR A 137 3.25 -13.30 11.60
N GLU A 138 2.89 -12.57 12.65
CA GLU A 138 1.81 -12.85 13.64
C GLU A 138 2.20 -13.01 15.10
N HIS B 7 5.47 -17.93 -3.43
CA HIS B 7 4.60 -17.24 -2.45
C HIS B 7 3.51 -16.50 -3.20
N HIS B 8 3.77 -16.19 -4.47
CA HIS B 8 2.80 -15.47 -5.31
C HIS B 8 1.49 -16.23 -5.45
N MET B 9 1.52 -17.57 -5.34
CA MET B 9 0.31 -18.36 -5.46
C MET B 9 -0.67 -18.24 -4.27
N GLU B 10 -0.28 -17.55 -3.20
CA GLU B 10 -1.26 -17.16 -2.16
C GLU B 10 -2.28 -16.17 -2.71
N TYR B 11 -1.88 -15.39 -3.72
CA TYR B 11 -2.67 -14.25 -4.15
C TYR B 11 -3.23 -14.42 -5.56
N TRP B 12 -2.50 -15.14 -6.40
CA TRP B 12 -2.90 -15.37 -7.80
C TRP B 12 -3.55 -16.73 -7.91
N HIS B 13 -4.53 -16.86 -8.80
CA HIS B 13 -5.16 -18.16 -9.12
C HIS B 13 -4.94 -18.59 -10.58
N TYR B 14 -4.98 -19.90 -10.83
CA TYR B 14 -4.91 -20.42 -12.19
C TYR B 14 -6.07 -19.88 -13.04
N VAL B 15 -5.76 -19.48 -14.27
CA VAL B 15 -6.79 -19.03 -15.24
C VAL B 15 -6.80 -19.96 -16.45
N GLU B 16 -7.94 -20.58 -16.68
CA GLU B 16 -8.16 -21.38 -17.88
C GLU B 16 -8.31 -20.48 -19.11
N THR B 17 -7.64 -20.83 -20.21
CA THR B 17 -7.82 -20.07 -21.44
C THR B 17 -8.40 -20.90 -22.61
N THR B 18 -7.96 -20.59 -23.83
CA THR B 18 -8.05 -21.49 -24.98
C THR B 18 -6.63 -21.52 -25.59
N SER B 19 -6.41 -22.36 -26.61
CA SER B 19 -5.06 -22.50 -27.20
C SER B 19 -4.56 -21.18 -27.80
N SER B 20 -5.50 -20.36 -28.27
CA SER B 20 -5.17 -19.06 -28.88
C SER B 20 -4.99 -17.94 -27.85
N GLY B 21 -5.13 -18.28 -26.56
CA GLY B 21 -4.86 -17.33 -25.49
C GLY B 21 -6.05 -16.49 -25.10
N GLN B 22 -7.25 -17.04 -25.23
CA GLN B 22 -8.45 -16.35 -24.79
C GLN B 22 -8.93 -16.88 -23.43
N PRO B 23 -8.91 -16.02 -22.37
CA PRO B 23 -9.27 -16.46 -21.03
C PRO B 23 -10.75 -16.78 -20.83
N LEU B 24 -11.03 -17.76 -19.98
CA LEU B 24 -12.40 -18.07 -19.61
C LEU B 24 -12.89 -17.14 -18.50
N LEU B 25 -13.83 -16.27 -18.85
CA LEU B 25 -14.34 -15.26 -17.93
C LEU B 25 -15.56 -15.73 -17.18
N ARG B 26 -15.86 -15.09 -16.06
CA ARG B 26 -16.98 -15.48 -15.24
C ARG B 26 -18.27 -14.85 -15.69
N GLU B 27 -19.36 -15.36 -15.13
CA GLU B 27 -20.71 -14.83 -15.24
C GLU B 27 -20.73 -13.29 -15.04
N GLY B 28 -21.01 -12.53 -16.10
CA GLY B 28 -21.09 -11.06 -15.98
C GLY B 28 -19.76 -10.31 -15.87
N GLU B 29 -18.65 -11.01 -16.11
CA GLU B 29 -17.33 -10.40 -16.04
C GLU B 29 -16.96 -9.81 -17.39
N LYS B 30 -16.65 -8.51 -17.41
CA LYS B 30 -16.45 -7.80 -18.65
C LYS B 30 -15.01 -7.33 -18.88
N ASP B 31 -14.56 -7.49 -20.12
CA ASP B 31 -13.30 -7.01 -20.66
C ASP B 31 -13.21 -5.45 -20.61
N ILE B 32 -12.22 -4.87 -19.93
CA ILE B 32 -12.04 -3.39 -19.96
C ILE B 32 -10.84 -2.91 -20.79
N PHE B 33 -9.66 -3.49 -20.58
CA PHE B 33 -8.47 -3.00 -21.25
C PHE B 33 -7.44 -4.13 -21.30
N ILE B 34 -6.58 -4.09 -22.31
CA ILE B 34 -5.52 -5.08 -22.51
C ILE B 34 -4.21 -4.39 -22.87
N ASP B 35 -3.10 -4.89 -22.37
CA ASP B 35 -1.80 -4.44 -22.83
C ASP B 35 -0.95 -5.67 -23.08
N GLN B 36 0.13 -5.48 -23.84
CA GLN B 36 0.97 -6.56 -24.39
C GLN B 36 2.38 -6.49 -23.83
N SER B 37 3.08 -7.63 -23.86
CA SER B 37 4.49 -7.75 -23.39
C SER B 37 4.70 -7.24 -21.96
N VAL B 38 3.92 -7.78 -21.05
CA VAL B 38 4.05 -7.45 -19.65
C VAL B 38 4.71 -8.62 -18.91
N GLY B 39 5.55 -8.28 -17.93
CA GLY B 39 6.10 -9.28 -16.98
C GLY B 39 5.59 -9.08 -15.56
N LEU B 40 5.59 -10.15 -14.76
CA LEU B 40 5.03 -10.08 -13.40
C LEU B 40 6.13 -10.12 -12.35
N TYR B 41 5.94 -9.33 -11.27
CA TYR B 41 6.79 -9.41 -10.07
C TYR B 41 5.97 -9.80 -8.86
N HIS B 42 6.62 -10.54 -7.95
CA HIS B 42 6.09 -10.75 -6.61
C HIS B 42 7.10 -10.12 -5.66
N GLY B 43 6.67 -9.07 -4.97
CA GLY B 43 7.57 -8.15 -4.29
C GLY B 43 8.60 -7.58 -5.26
N LYS B 44 9.86 -7.61 -4.86
CA LYS B 44 10.95 -7.13 -5.69
C LYS B 44 11.45 -8.13 -6.76
N SER B 45 11.00 -9.38 -6.72
CA SER B 45 11.53 -10.42 -7.61
C SER B 45 10.60 -10.76 -8.78
N LYS B 46 11.20 -11.08 -9.92
CA LYS B 46 10.44 -11.51 -11.10
C LYS B 46 9.77 -12.86 -10.82
N ILE B 47 8.55 -13.03 -11.31
CA ILE B 47 7.88 -14.34 -11.34
C ILE B 47 8.42 -15.05 -12.59
N LEU B 48 9.15 -16.14 -12.37
CA LEU B 48 10.04 -16.69 -13.41
C LEU B 48 9.41 -17.13 -14.76
N GLN B 49 8.33 -17.88 -14.71
CA GLN B 49 7.77 -18.30 -16.00
C GLN B 49 6.70 -17.34 -16.50
N ARG B 50 6.62 -16.13 -15.93
CA ARG B 50 5.55 -15.19 -16.27
C ARG B 50 6.13 -13.81 -16.63
N GLN B 51 7.07 -13.81 -17.57
CA GLN B 51 7.82 -12.64 -17.99
C GLN B 51 7.44 -12.05 -19.35
N ARG B 52 6.57 -12.73 -20.09
CA ARG B 52 6.04 -12.16 -21.32
C ARG B 52 4.62 -12.63 -21.62
N GLY B 53 3.66 -11.74 -21.35
CA GLY B 53 2.25 -12.06 -21.51
C GLY B 53 1.41 -10.83 -21.80
N ARG B 54 0.15 -11.06 -22.13
CA ARG B 54 -0.81 -9.95 -22.24
C ARG B 54 -1.38 -9.74 -20.88
N ILE B 55 -1.64 -8.48 -20.50
CA ILE B 55 -2.31 -8.19 -19.25
C ILE B 55 -3.70 -7.62 -19.55
N PHE B 56 -4.66 -8.17 -18.83
CA PHE B 56 -6.06 -8.01 -19.14
C PHE B 56 -6.77 -7.48 -17.88
N LEU B 57 -7.39 -6.31 -17.97
CA LEU B 57 -8.19 -5.78 -16.89
C LEU B 57 -9.66 -6.11 -17.16
N THR B 58 -10.29 -6.80 -16.20
CA THR B 58 -11.75 -7.01 -16.27
C THR B 58 -12.42 -6.24 -15.15
N SER B 59 -13.74 -6.27 -15.14
CA SER B 59 -14.52 -5.64 -14.08
C SER B 59 -14.24 -6.26 -12.69
N GLN B 60 -13.64 -7.45 -12.67
CA GLN B 60 -13.43 -8.24 -11.44
C GLN B 60 -11.97 -8.57 -11.12
N ARG B 61 -11.13 -8.65 -12.14
CA ARG B 61 -9.77 -9.22 -12.02
C ARG B 61 -8.75 -8.51 -12.87
N ILE B 62 -7.48 -8.73 -12.53
CA ILE B 62 -6.37 -8.55 -13.48
C ILE B 62 -5.95 -9.97 -13.89
N ILE B 63 -5.80 -10.19 -15.19
CA ILE B 63 -5.46 -11.50 -15.72
C ILE B 63 -4.20 -11.45 -16.55
N TYR B 64 -3.23 -12.29 -16.21
CA TYR B 64 -2.02 -12.39 -16.98
C TYR B 64 -2.22 -13.59 -17.94
N ILE B 65 -2.15 -13.36 -19.25
CA ILE B 65 -2.20 -14.47 -20.24
C ILE B 65 -0.81 -14.73 -20.85
N ASP B 66 -0.21 -15.89 -20.57
CA ASP B 66 1.16 -16.12 -20.91
C ASP B 66 1.33 -16.25 -22.44
N ASP B 67 2.37 -15.65 -22.99
CA ASP B 67 2.56 -15.68 -24.45
C ASP B 67 2.97 -17.09 -24.90
N ALA B 68 3.96 -17.66 -24.24
CA ALA B 68 4.53 -18.94 -24.66
C ALA B 68 3.61 -20.11 -24.30
N LYS B 69 3.03 -20.11 -23.10
CA LYS B 69 2.19 -21.23 -22.64
C LYS B 69 0.87 -20.79 -21.98
N PRO B 70 -0.06 -20.22 -22.79
CA PRO B 70 -1.30 -19.66 -22.25
C PRO B 70 -2.21 -20.61 -21.49
N THR B 71 -2.25 -21.89 -21.88
CA THR B 71 -3.16 -22.85 -21.22
C THR B 71 -2.58 -23.38 -19.91
N GLN B 72 -1.31 -23.08 -19.67
CA GLN B 72 -0.59 -23.54 -18.48
C GLN B 72 -0.25 -22.45 -17.46
N ASN B 73 0.33 -21.36 -17.94
CA ASN B 73 1.00 -20.38 -17.08
C ASN B 73 0.21 -19.06 -16.83
N SER B 74 -1.05 -19.04 -17.25
CA SER B 74 -1.90 -17.85 -17.08
C SER B 74 -2.49 -17.77 -15.65
N LEU B 75 -2.61 -16.55 -15.12
CA LEU B 75 -2.99 -16.32 -13.74
C LEU B 75 -3.96 -15.15 -13.56
N GLY B 76 -4.76 -15.17 -12.50
CA GLY B 76 -5.70 -14.09 -12.20
C GLY B 76 -5.56 -13.59 -10.77
N LEU B 77 -5.88 -12.31 -10.59
CA LEU B 77 -5.83 -11.65 -9.31
C LEU B 77 -7.17 -10.93 -9.12
N GLU B 78 -7.83 -11.15 -7.99
CA GLU B 78 -9.09 -10.45 -7.67
C GLU B 78 -8.87 -8.97 -7.33
N LEU B 79 -9.57 -8.06 -8.02
CA LEU B 79 -9.49 -6.64 -7.68
C LEU B 79 -9.96 -6.45 -6.24
N ASP B 80 -10.87 -7.32 -5.80
CA ASP B 80 -11.38 -7.27 -4.41
C ASP B 80 -10.31 -7.55 -3.33
N ASP B 81 -9.14 -8.06 -3.74
CA ASP B 81 -8.03 -8.31 -2.81
C ASP B 81 -6.98 -7.17 -2.73
N LEU B 82 -7.20 -6.09 -3.48
CA LEU B 82 -6.29 -4.94 -3.54
C LEU B 82 -6.80 -3.73 -2.80
N ALA B 83 -5.86 -2.89 -2.39
CA ALA B 83 -6.15 -1.71 -1.61
C ALA B 83 -5.65 -0.43 -2.28
N TYR B 84 -4.45 -0.47 -2.89
CA TYR B 84 -3.86 0.72 -3.50
C TYR B 84 -3.05 0.30 -4.73
N VAL B 85 -2.80 1.30 -5.58
CA VAL B 85 -2.05 1.13 -6.81
C VAL B 85 -1.10 2.33 -6.95
N ASN B 86 0.09 2.10 -7.47
CA ASN B 86 1.04 3.20 -7.69
C ASN B 86 1.80 2.96 -8.97
N TYR B 87 1.81 3.97 -9.84
CA TYR B 87 2.61 3.93 -11.07
C TYR B 87 4.03 4.47 -10.84
N SER B 88 5.03 3.71 -11.32
CA SER B 88 6.43 4.16 -11.27
C SER B 88 7.01 4.26 -12.71
N SER B 89 7.59 5.40 -13.06
CA SER B 89 7.83 5.70 -14.50
C SER B 89 9.06 5.06 -15.11
N GLY B 90 9.84 4.34 -14.33
CA GLY B 90 10.94 3.58 -14.93
C GLY B 90 12.27 4.33 -15.02
N PHE B 91 12.55 5.23 -14.07
CA PHE B 91 13.86 5.94 -14.07
C PHE B 91 15.04 5.01 -13.74
N LEU B 92 14.86 4.17 -12.72
CA LEU B 92 15.86 3.19 -12.30
C LEU B 92 15.53 1.75 -12.76
N THR B 93 14.30 1.54 -13.21
CA THR B 93 13.95 0.20 -13.68
C THR B 93 13.97 0.24 -15.19
N ARG B 94 14.27 -0.90 -15.83
CA ARG B 94 14.30 -0.96 -17.30
C ARG B 94 12.95 -0.53 -17.89
N SER B 95 11.88 -0.93 -17.21
CA SER B 95 10.52 -0.66 -17.68
C SER B 95 9.70 0.03 -16.61
N PRO B 96 8.67 0.82 -17.02
CA PRO B 96 7.73 1.35 -16.04
C PRO B 96 7.00 0.21 -15.33
N ARG B 97 6.55 0.46 -14.10
CA ARG B 97 5.93 -0.56 -13.25
C ARG B 97 4.61 -0.06 -12.69
N LEU B 98 3.62 -0.93 -12.63
CA LEU B 98 2.41 -0.65 -11.84
C LEU B 98 2.50 -1.51 -10.58
N ILE B 99 2.52 -0.87 -9.41
CA ILE B 99 2.63 -1.62 -8.15
C ILE B 99 1.25 -1.76 -7.52
N LEU B 100 0.89 -2.98 -7.14
CA LEU B 100 -0.41 -3.24 -6.52
C LEU B 100 -0.21 -3.75 -5.08
N PHE B 101 -0.92 -3.13 -4.16
CA PHE B 101 -0.81 -3.40 -2.72
C PHE B 101 -2.03 -4.18 -2.24
N PHE B 102 -1.78 -5.31 -1.56
CA PHE B 102 -2.90 -6.14 -1.06
C PHE B 102 -3.58 -5.53 0.16
N LYS B 103 -4.87 -5.84 0.33
CA LYS B 103 -5.57 -5.59 1.57
C LYS B 103 -4.96 -6.42 2.73
N ASP B 104 -4.56 -7.64 2.45
CA ASP B 104 -4.23 -8.58 3.53
C ASP B 104 -2.92 -9.31 3.24
N PRO B 105 -1.77 -8.60 3.23
CA PRO B 105 -0.52 -9.26 2.92
C PRO B 105 0.00 -10.11 4.11
N SER B 106 0.56 -11.27 3.83
CA SER B 106 1.13 -12.14 4.91
C SER B 106 2.42 -11.53 5.44
N SER B 107 3.05 -10.76 4.57
CA SER B 107 4.26 -10.05 4.85
C SER B 107 4.14 -8.73 4.11
N SER B 108 4.98 -7.47 4.65
CA SER B 108 4.84 -6.28 3.81
C SER B 108 5.86 -6.37 2.65
N THR B 109 6.62 -7.47 2.60
CA THR B 109 7.43 -7.75 1.41
C THR B 109 6.62 -8.33 0.22
N GLU B 110 5.33 -8.58 0.41
CA GLU B 110 4.53 -9.17 -0.65
C GLU B 110 3.60 -8.14 -1.24
N PHE B 111 3.76 -7.92 -2.54
CA PHE B 111 2.92 -7.00 -3.30
C PHE B 111 3.14 -7.41 -4.75
N VAL B 112 2.38 -6.83 -5.68
CA VAL B 112 2.50 -7.18 -7.10
C VAL B 112 3.16 -6.07 -7.86
N GLN B 113 3.95 -6.42 -8.89
CA GLN B 113 4.26 -5.39 -9.91
C GLN B 113 3.91 -5.97 -11.28
N LEU B 114 3.39 -5.09 -12.13
CA LEU B 114 3.33 -5.34 -13.57
C LEU B 114 4.39 -4.49 -14.26
N SER B 115 5.21 -5.14 -15.10
CA SER B 115 6.30 -4.47 -15.78
C SER B 115 6.04 -4.38 -17.28
N PHE B 116 6.03 -3.15 -17.80
CA PHE B 116 5.57 -2.85 -19.16
C PHE B 116 6.73 -2.71 -20.14
N ARG B 117 6.96 -3.75 -20.93
CA ARG B 117 8.19 -3.81 -21.76
C ARG B 117 8.07 -3.18 -23.13
N LYS B 118 6.85 -3.00 -23.62
CA LYS B 118 6.66 -2.47 -24.97
C LYS B 118 5.65 -1.30 -25.02
N SER B 119 5.15 -0.87 -23.86
CA SER B 119 4.38 0.37 -23.71
C SER B 119 4.81 1.11 -22.45
N ASP B 120 4.25 2.30 -22.21
CA ASP B 120 4.56 2.98 -20.96
C ASP B 120 3.63 2.52 -19.82
N GLY B 121 2.64 1.70 -20.15
CA GLY B 121 1.65 1.23 -19.16
C GLY B 121 0.70 2.26 -18.56
N VAL B 122 0.68 3.47 -19.11
CA VAL B 122 -0.14 4.54 -18.50
C VAL B 122 -1.65 4.27 -18.65
N LEU B 123 -2.08 3.92 -19.86
CA LEU B 123 -3.50 3.73 -20.09
C LEU B 123 -4.00 2.53 -19.27
N PHE B 124 -3.21 1.46 -19.21
CA PHE B 124 -3.60 0.30 -18.41
C PHE B 124 -3.69 0.66 -16.93
N SER B 125 -2.70 1.41 -16.41
CA SER B 125 -2.67 1.84 -15.02
C SER B 125 -3.85 2.73 -14.66
N GLN B 126 -4.13 3.70 -15.51
CA GLN B 126 -5.27 4.57 -15.30
C GLN B 126 -6.60 3.77 -15.25
N ALA B 127 -6.75 2.81 -16.16
CA ALA B 127 -7.97 1.97 -16.16
C ALA B 127 -8.07 1.16 -14.85
N THR B 128 -6.93 0.61 -14.41
CA THR B 128 -6.89 -0.19 -13.17
C THR B 128 -7.25 0.66 -11.95
N GLU B 129 -6.68 1.88 -11.86
CA GLU B 129 -7.05 2.84 -10.77
C GLU B 129 -8.56 2.99 -10.66
N ARG B 130 -9.20 3.24 -11.81
CA ARG B 130 -10.64 3.43 -11.86
C ARG B 130 -11.41 2.17 -11.47
N ALA B 131 -10.99 1.03 -12.03
CA ALA B 131 -11.63 -0.29 -11.74
C ALA B 131 -11.55 -0.61 -10.25
N LEU B 132 -10.37 -0.38 -9.64
CA LEU B 132 -10.18 -0.61 -8.22
C LEU B 132 -11.05 0.35 -7.39
N GLU B 133 -11.00 1.64 -7.69
CA GLU B 133 -11.84 2.59 -6.97
C GLU B 133 -13.34 2.22 -7.03
N ASN B 134 -13.82 1.66 -8.14
CA ASN B 134 -15.23 1.23 -8.24
C ASN B 134 -15.54 0.13 -7.24
N ILE B 135 -14.58 -0.76 -7.04
CA ILE B 135 -14.73 -1.85 -6.09
C ILE B 135 -14.70 -1.35 -4.66
N LEU B 136 -13.71 -0.51 -4.33
CA LEU B 136 -13.57 0.02 -2.97
C LEU B 136 -14.77 0.82 -2.47
N THR B 137 -15.35 1.66 -3.35
CA THR B 137 -16.39 2.60 -2.96
C THR B 137 -17.82 2.06 -3.10
#